data_5QI0
#
_entry.id   5QI0
#
_cell.length_a   34.280
_cell.length_b   41.670
_cell.length_c   111.240
_cell.angle_alpha   90.000
_cell.angle_beta   90.000
_cell.angle_gamma   90.000
#
_symmetry.space_group_name_H-M   'P 21 21 21'
#
loop_
_entity.id
_entity.type
_entity.pdbx_description
1 polymer 'Poly [ADP-ribose] polymerase 14'
2 non-polymer 'CHLORIDE ION'
3 non-polymer 'DIMETHYL SULFOXIDE'
4 non-polymer ~{N}-(1-propylbenzimidazol-2-yl)propanamide
5 water water
#
_entity_poly.entity_id   1
_entity_poly.type   'polypeptide(L)'
_entity_poly.pdbx_seq_one_letter_code
;SMFYGTVSSPDSGVYEMKIGSIIFQVASGDITKEEADVIVNSTSNSFNLKAGVSKAILECAGQNVERECSQQAQQRKNDY
IITGGGFLRCKNIIHVIGGNDVKSSVSSVLQECEKKNYSSICLPAIGTGNAKQHPDKVAEAIIDAIEDFVQKGSAQSVKK
VKVVIFLPQVLDVFYANMKKREG
;
_entity_poly.pdbx_strand_id   A
#
loop_
_chem_comp.id
_chem_comp.type
_chem_comp.name
_chem_comp.formula
CL non-polymer 'CHLORIDE ION' 'Cl -1'
DMS non-polymer 'DIMETHYL SULFOXIDE' 'C2 H6 O S'
GTJ non-polymer ~{N}-(1-propylbenzimidazol-2-yl)propanamide 'C13 H17 N3 O'
#
# COMPACT_ATOMS: atom_id res chain seq x y z
N MET A 2 13.70 18.28 2.57
CA MET A 2 12.68 19.38 2.63
C MET A 2 11.25 18.97 3.10
N PHE A 3 11.04 17.70 3.50
CA PHE A 3 9.67 17.17 3.77
C PHE A 3 9.48 16.35 5.07
N TYR A 4 10.55 15.74 5.59
CA TYR A 4 10.43 14.72 6.65
C TYR A 4 10.35 15.31 8.06
N GLY A 5 9.38 14.82 8.83
CA GLY A 5 9.27 15.07 10.27
C GLY A 5 10.07 14.08 11.11
N THR A 6 9.69 13.96 12.37
CA THR A 6 10.39 13.13 13.37
C THR A 6 9.70 11.75 13.50
N VAL A 7 10.50 10.68 13.65
CA VAL A 7 9.96 9.32 13.87
C VAL A 7 9.57 9.15 15.35
N SER A 8 8.34 8.72 15.63
CA SER A 8 7.89 8.42 17.01
C SER A 8 6.92 7.26 17.00
N SER A 9 6.54 6.80 18.19
CA SER A 9 5.56 5.72 18.34
C SER A 9 4.30 6.19 19.07
N PRO A 10 3.18 6.40 18.32
CA PRO A 10 1.98 6.98 18.94
C PRO A 10 1.12 5.96 19.68
N ASP A 11 1.32 4.70 19.37
CA ASP A 11 0.53 3.59 19.91
C ASP A 11 1.45 2.38 19.93
N SER A 12 1.16 1.42 20.80
CA SER A 12 1.97 0.21 20.89
C SER A 12 2.11 -0.48 19.53
N GLY A 13 3.36 -0.73 19.12
CA GLY A 13 3.65 -1.37 17.84
C GLY A 13 3.45 -0.54 16.57
N VAL A 14 3.12 0.76 16.70
CA VAL A 14 2.93 1.64 15.55
C VAL A 14 4.04 2.71 15.56
N TYR A 15 4.66 2.97 14.40
CA TYR A 15 5.75 3.97 14.25
C TYR A 15 5.38 4.90 13.08
N GLU A 16 5.58 6.20 13.28
CA GLU A 16 5.10 7.17 12.31
C GLU A 16 6.07 8.33 12.09
N MET A 17 5.94 8.96 10.92
N MET A 17 5.94 8.97 10.92
CA MET A 17 6.56 10.26 10.66
CA MET A 17 6.77 10.11 10.50
C MET A 17 5.76 10.99 9.59
C MET A 17 5.96 10.92 9.48
N LYS A 18 5.78 12.33 9.65
N LYS A 18 5.91 12.25 9.64
CA LYS A 18 5.23 13.14 8.57
CA LYS A 18 5.28 13.09 8.60
C LYS A 18 6.15 13.13 7.33
C LYS A 18 6.16 13.13 7.34
N ILE A 19 5.51 13.09 6.17
CA ILE A 19 6.17 13.33 4.87
C ILE A 19 5.30 14.42 4.20
N GLY A 20 5.73 15.68 4.29
CA GLY A 20 4.85 16.80 3.95
C GLY A 20 3.54 16.74 4.73
N SER A 21 2.39 16.81 4.02
CA SER A 21 1.07 16.75 4.64
C SER A 21 0.56 15.33 4.95
N ILE A 22 1.33 14.30 4.63
CA ILE A 22 0.89 12.91 4.83
C ILE A 22 1.52 12.33 6.12
N ILE A 23 0.73 11.65 6.95
N ILE A 23 0.71 11.64 6.92
CA ILE A 23 1.32 10.84 8.03
CA ILE A 23 1.23 10.82 8.03
C ILE A 23 1.58 9.42 7.49
C ILE A 23 1.56 9.40 7.48
N PHE A 24 2.85 9.02 7.53
CA PHE A 24 3.32 7.70 7.10
C PHE A 24 3.51 6.83 8.35
N GLN A 25 2.88 5.65 8.37
CA GLN A 25 2.94 4.74 9.53
C GLN A 25 3.35 3.33 9.08
N VAL A 26 4.01 2.61 9.98
CA VAL A 26 4.32 1.18 9.81
C VAL A 26 3.96 0.41 11.10
N ALA A 27 3.55 -0.85 10.93
CA ALA A 27 3.22 -1.77 12.04
C ALA A 27 3.29 -3.20 11.49
N SER A 28 3.43 -4.18 12.38
N SER A 28 3.43 -4.18 12.38
CA SER A 28 3.24 -5.59 11.97
CA SER A 28 3.25 -5.59 11.98
C SER A 28 1.83 -6.05 12.34
C SER A 28 1.84 -6.05 12.34
N GLY A 29 1.32 -7.05 11.61
CA GLY A 29 0.01 -7.64 11.94
C GLY A 29 -0.73 -8.15 10.72
N ASP A 30 -2.03 -8.38 10.93
CA ASP A 30 -2.98 -8.93 9.98
C ASP A 30 -3.65 -7.80 9.18
N ILE A 31 -3.23 -7.60 7.92
CA ILE A 31 -3.77 -6.50 7.08
C ILE A 31 -5.29 -6.61 6.85
N THR A 32 -5.83 -7.84 6.90
CA THR A 32 -7.27 -8.05 6.65
C THR A 32 -8.17 -7.51 7.74
N LYS A 33 -7.59 -7.12 8.88
CA LYS A 33 -8.32 -6.50 10.00
C LYS A 33 -8.35 -4.98 9.93
N GLU A 34 -7.59 -4.39 9.00
CA GLU A 34 -7.49 -2.94 8.86
C GLU A 34 -8.71 -2.31 8.20
N GLU A 35 -8.97 -1.05 8.57
CA GLU A 35 -9.98 -0.21 7.91
C GLU A 35 -9.25 0.97 7.21
N ALA A 36 -9.56 1.21 5.94
CA ALA A 36 -8.95 2.33 5.16
C ALA A 36 -9.83 2.55 3.94
N ASP A 37 -9.75 3.73 3.31
CA ASP A 37 -10.48 3.90 2.05
C ASP A 37 -10.03 2.88 0.98
N VAL A 38 -8.71 2.68 0.85
CA VAL A 38 -8.13 1.68 -0.07
C VAL A 38 -7.21 0.75 0.71
N ILE A 39 -7.38 -0.57 0.45
CA ILE A 39 -6.40 -1.60 0.82
C ILE A 39 -5.73 -2.11 -0.46
N VAL A 40 -4.39 -2.24 -0.44
CA VAL A 40 -3.63 -2.73 -1.59
C VAL A 40 -3.36 -4.24 -1.44
N ASN A 41 -3.54 -4.97 -2.55
CA ASN A 41 -3.18 -6.40 -2.65
C ASN A 41 -1.97 -6.54 -3.59
N SER A 42 -0.94 -7.26 -3.16
CA SER A 42 0.24 -7.57 -3.99
C SER A 42 0.07 -8.96 -4.62
N THR A 43 -0.18 -9.00 -5.92
CA THR A 43 -0.60 -10.22 -6.61
C THR A 43 0.29 -10.47 -7.83
N SER A 44 -0.14 -11.41 -8.67
CA SER A 44 0.55 -11.77 -9.91
C SER A 44 -0.01 -10.99 -11.10
N ASN A 45 0.63 -11.14 -12.26
CA ASN A 45 0.16 -10.46 -13.49
C ASN A 45 -1.19 -11.01 -14.03
N SER A 46 -1.71 -12.10 -13.46
CA SER A 46 -3.05 -12.64 -13.75
C SER A 46 -4.12 -12.30 -12.70
N PHE A 47 -3.70 -11.58 -11.66
CA PHE A 47 -4.61 -11.06 -10.63
C PHE A 47 -5.40 -12.17 -9.92
N ASN A 48 -4.74 -13.33 -9.75
CA ASN A 48 -5.38 -14.52 -9.13
C ASN A 48 -4.41 -15.33 -8.25
N LEU A 49 -3.33 -14.69 -7.79
CA LEU A 49 -2.46 -15.31 -6.80
C LEU A 49 -3.28 -15.52 -5.51
N LYS A 50 -3.10 -16.68 -4.89
CA LYS A 50 -3.67 -16.94 -3.56
C LYS A 50 -2.61 -17.63 -2.70
N ALA A 51 -1.57 -16.86 -2.39
CA ALA A 51 -0.42 -17.34 -1.61
C ALA A 51 0.07 -16.19 -0.71
N GLY A 52 0.30 -16.48 0.58
CA GLY A 52 0.74 -15.44 1.52
C GLY A 52 -0.34 -14.40 1.73
N VAL A 53 0.06 -13.12 1.72
CA VAL A 53 -0.90 -12.07 2.03
C VAL A 53 -2.07 -12.05 0.99
N SER A 54 -1.81 -12.34 -0.30
CA SER A 54 -2.87 -12.42 -1.32
C SER A 54 -3.92 -13.50 -1.03
N LYS A 55 -3.50 -14.62 -0.43
CA LYS A 55 -4.44 -15.66 0.01
C LYS A 55 -5.39 -15.08 1.06
N ALA A 56 -4.82 -14.42 2.07
CA ALA A 56 -5.62 -13.82 3.15
C ALA A 56 -6.58 -12.73 2.62
N ILE A 57 -6.08 -11.87 1.74
CA ILE A 57 -6.93 -10.82 1.15
C ILE A 57 -8.07 -11.39 0.27
N LEU A 58 -7.77 -12.32 -0.66
CA LEU A 58 -8.88 -12.88 -1.49
C LEU A 58 -9.89 -13.72 -0.70
N GLU A 59 -9.41 -14.47 0.29
CA GLU A 59 -10.32 -15.25 1.16
C GLU A 59 -11.26 -14.35 1.97
N CYS A 60 -10.67 -13.43 2.74
N CYS A 60 -10.81 -13.14 2.35
CA CYS A 60 -11.51 -12.40 3.42
CA CYS A 60 -11.56 -12.35 3.31
C CYS A 60 -12.46 -11.58 2.47
C CYS A 60 -12.46 -11.46 2.51
N ALA A 61 -11.97 -11.04 1.34
CA ALA A 61 -12.77 -10.22 0.41
C ALA A 61 -13.98 -10.95 -0.17
N GLY A 62 -13.77 -12.19 -0.61
CA GLY A 62 -14.85 -13.08 -1.07
C GLY A 62 -14.89 -13.32 -2.57
N GLN A 63 -15.79 -14.22 -2.98
CA GLN A 63 -15.81 -14.69 -4.37
C GLN A 63 -16.25 -13.64 -5.39
N ASN A 64 -17.10 -12.69 -4.98
CA ASN A 64 -17.50 -11.62 -5.90
C ASN A 64 -16.27 -10.77 -6.33
N VAL A 65 -15.35 -10.50 -5.40
CA VAL A 65 -14.08 -9.79 -5.73
C VAL A 65 -13.18 -10.66 -6.63
N GLU A 66 -13.07 -11.95 -6.34
CA GLU A 66 -12.29 -12.85 -7.22
C GLU A 66 -12.86 -12.81 -8.63
N ARG A 67 -14.19 -12.85 -8.73
CA ARG A 67 -14.87 -12.73 -10.02
C ARG A 67 -14.65 -11.36 -10.69
N GLU A 68 -14.69 -10.27 -9.91
CA GLU A 68 -14.32 -8.93 -10.44
C GLU A 68 -12.89 -8.97 -11.07
N CYS A 69 -11.92 -9.55 -10.36
N CYS A 69 -12.00 -9.71 -10.41
CA CYS A 69 -10.52 -9.59 -10.86
CA CYS A 69 -10.65 -9.97 -10.92
C CYS A 69 -10.33 -10.30 -12.21
C CYS A 69 -10.54 -10.78 -12.21
N SER A 70 -10.93 -11.50 -12.32
N SER A 70 -11.13 -11.98 -12.33
CA SER A 70 -10.79 -12.32 -13.52
CA SER A 70 -11.03 -12.68 -13.61
C SER A 70 -11.58 -11.71 -14.70
C SER A 70 -11.68 -11.86 -14.73
N GLN A 71 -12.75 -11.13 -14.40
CA GLN A 71 -13.56 -10.42 -15.40
C GLN A 71 -12.77 -9.27 -16.03
N GLN A 72 -12.10 -8.46 -15.18
CA GLN A 72 -11.28 -7.36 -15.70
C GLN A 72 -10.01 -7.85 -16.40
N ALA A 73 -9.40 -8.92 -15.85
CA ALA A 73 -8.17 -9.48 -16.43
C ALA A 73 -8.36 -9.98 -17.86
N GLN A 74 -9.56 -10.49 -18.17
CA GLN A 74 -9.89 -10.98 -19.51
C GLN A 74 -10.46 -9.89 -20.47
N GLN A 75 -10.29 -8.61 -20.13
CA GLN A 75 -10.75 -7.48 -20.97
C GLN A 75 -9.61 -6.69 -21.64
N ARG A 76 -8.52 -6.43 -20.90
CA ARG A 76 -7.37 -5.68 -21.42
C ARG A 76 -6.09 -6.06 -20.69
N LYS A 77 -4.94 -5.56 -21.17
CA LYS A 77 -3.66 -5.70 -20.47
C LYS A 77 -3.59 -4.64 -19.37
N ASN A 78 -3.72 -5.06 -18.10
CA ASN A 78 -3.71 -4.14 -16.94
C ASN A 78 -2.36 -4.17 -16.20
N ASP A 79 -1.83 -2.98 -15.86
CA ASP A 79 -0.70 -2.88 -14.90
C ASP A 79 -1.16 -3.08 -13.44
N TYR A 80 -2.43 -2.73 -13.16
CA TYR A 80 -3.11 -2.91 -11.86
C TYR A 80 -4.61 -2.86 -12.11
N ILE A 81 -5.39 -3.36 -11.16
CA ILE A 81 -6.85 -3.30 -11.26
C ILE A 81 -7.49 -2.80 -9.95
N ILE A 82 -8.63 -2.11 -10.10
CA ILE A 82 -9.40 -1.57 -8.97
C ILE A 82 -10.73 -2.35 -8.89
N THR A 83 -11.01 -2.96 -7.74
CA THR A 83 -12.26 -3.67 -7.48
C THR A 83 -12.96 -3.09 -6.24
N GLY A 84 -14.17 -3.55 -5.99
CA GLY A 84 -14.81 -3.36 -4.70
C GLY A 84 -14.03 -4.00 -3.55
N GLY A 85 -14.41 -3.69 -2.32
CA GLY A 85 -13.77 -4.24 -1.12
C GLY A 85 -14.32 -5.57 -0.59
N GLY A 86 -15.48 -5.98 -1.08
CA GLY A 86 -16.12 -7.19 -0.55
C GLY A 86 -16.30 -7.10 0.94
N PHE A 87 -15.90 -8.16 1.67
CA PHE A 87 -15.98 -8.16 3.14
C PHE A 87 -14.71 -7.66 3.84
N LEU A 88 -13.80 -7.02 3.10
CA LEU A 88 -12.78 -6.18 3.73
C LEU A 88 -13.39 -4.83 4.12
N ARG A 89 -12.79 -4.19 5.13
N ARG A 89 -12.78 -4.18 5.10
CA ARG A 89 -13.24 -2.87 5.60
CA ARG A 89 -13.22 -2.87 5.58
C ARG A 89 -12.59 -1.73 4.81
C ARG A 89 -12.59 -1.73 4.80
N CYS A 90 -12.97 -1.63 3.53
CA CYS A 90 -12.47 -0.59 2.64
C CYS A 90 -13.51 -0.26 1.57
N LYS A 91 -13.30 0.86 0.87
CA LYS A 91 -14.17 1.25 -0.25
C LYS A 91 -13.74 0.57 -1.57
N ASN A 92 -12.42 0.40 -1.77
CA ASN A 92 -11.89 -0.30 -2.95
C ASN A 92 -10.62 -1.07 -2.56
N ILE A 93 -10.36 -2.17 -3.27
CA ILE A 93 -9.05 -2.83 -3.27
C ILE A 93 -8.33 -2.44 -4.58
N ILE A 94 -7.05 -2.04 -4.47
CA ILE A 94 -6.21 -1.87 -5.68
C ILE A 94 -5.20 -3.03 -5.68
N HIS A 95 -5.31 -3.86 -6.73
CA HIS A 95 -4.48 -5.06 -6.89
C HIS A 95 -3.30 -4.71 -7.82
N VAL A 96 -2.09 -4.67 -7.25
CA VAL A 96 -0.85 -4.33 -7.98
C VAL A 96 -0.03 -5.62 -8.20
N ILE A 97 0.85 -5.59 -9.20
CA ILE A 97 1.69 -6.76 -9.55
C ILE A 97 2.97 -6.73 -8.69
N GLY A 98 3.15 -7.72 -7.85
CA GLY A 98 4.29 -7.75 -6.93
C GLY A 98 5.67 -7.68 -7.57
N GLY A 99 5.79 -8.21 -8.80
CA GLY A 99 7.07 -8.17 -9.53
C GLY A 99 7.38 -6.86 -10.23
N ASN A 100 6.41 -5.96 -10.34
CA ASN A 100 6.63 -4.65 -11.00
C ASN A 100 7.45 -3.71 -10.11
N ASP A 101 8.00 -2.67 -10.72
N ASP A 101 8.01 -2.66 -10.72
CA ASP A 101 8.67 -1.59 -10.01
CA ASP A 101 8.69 -1.55 -10.01
C ASP A 101 7.75 -1.05 -8.89
C ASP A 101 7.78 -1.02 -8.90
N VAL A 102 8.21 -1.16 -7.65
CA VAL A 102 7.35 -0.82 -6.49
C VAL A 102 7.07 0.69 -6.41
N LYS A 103 8.07 1.53 -6.76
CA LYS A 103 7.83 2.98 -6.74
C LYS A 103 6.70 3.35 -7.73
N SER A 104 6.75 2.77 -8.94
N SER A 104 6.74 2.76 -8.93
CA SER A 104 5.67 2.96 -9.94
CA SER A 104 5.68 2.98 -9.91
C SER A 104 4.29 2.52 -9.42
C SER A 104 4.30 2.52 -9.42
N SER A 105 4.24 1.34 -8.82
CA SER A 105 2.98 0.81 -8.27
C SER A 105 2.37 1.74 -7.18
N VAL A 106 3.22 2.18 -6.25
CA VAL A 106 2.73 3.07 -5.17
C VAL A 106 2.31 4.45 -5.74
N SER A 107 3.08 4.97 -6.71
CA SER A 107 2.67 6.23 -7.37
C SER A 107 1.27 6.12 -8.00
N SER A 108 1.00 4.99 -8.66
CA SER A 108 -0.32 4.75 -9.25
C SER A 108 -1.44 4.69 -8.19
N VAL A 109 -1.20 3.97 -7.08
CA VAL A 109 -2.17 3.91 -5.97
C VAL A 109 -2.50 5.33 -5.45
N LEU A 110 -1.46 6.14 -5.22
CA LEU A 110 -1.65 7.53 -4.72
C LEU A 110 -2.51 8.36 -5.68
N GLN A 111 -2.19 8.28 -6.98
CA GLN A 111 -2.94 9.02 -8.00
C GLN A 111 -4.43 8.58 -8.07
N GLU A 112 -4.67 7.27 -8.01
CA GLU A 112 -6.04 6.77 -8.04
C GLU A 112 -6.85 7.19 -6.79
N CYS A 113 -6.17 7.26 -5.64
CA CYS A 113 -6.83 7.72 -4.42
C CYS A 113 -7.21 9.22 -4.48
N GLU A 114 -6.34 10.07 -5.06
CA GLU A 114 -6.70 11.49 -5.27
C GLU A 114 -7.90 11.63 -6.22
N LYS A 115 -7.96 10.81 -7.27
N LYS A 115 -7.96 10.81 -7.27
CA LYS A 115 -9.09 10.84 -8.21
CA LYS A 115 -9.10 10.84 -8.20
C LYS A 115 -10.44 10.57 -7.51
C LYS A 115 -10.44 10.56 -7.51
N LYS A 116 -10.43 9.73 -6.46
CA LYS A 116 -11.65 9.40 -5.69
C LYS A 116 -11.83 10.26 -4.43
N ASN A 117 -10.95 11.24 -4.20
CA ASN A 117 -10.98 12.10 -2.99
C ASN A 117 -10.84 11.27 -1.69
N TYR A 118 -10.08 10.18 -1.75
CA TYR A 118 -9.85 9.33 -0.57
C TYR A 118 -8.73 9.90 0.33
N SER A 119 -8.83 9.62 1.63
N SER A 119 -8.84 9.59 1.62
CA SER A 119 -7.85 10.13 2.61
CA SER A 119 -7.96 10.10 2.68
C SER A 119 -6.91 9.08 3.20
C SER A 119 -6.93 9.08 3.19
N SER A 120 -7.29 7.78 3.21
CA SER A 120 -6.46 6.75 3.86
C SER A 120 -6.18 5.54 2.97
N ILE A 121 -4.95 5.03 3.09
CA ILE A 121 -4.46 3.86 2.34
C ILE A 121 -3.76 2.90 3.33
N CYS A 122 -3.96 1.59 3.14
N CYS A 122 -3.96 1.60 3.12
CA CYS A 122 -3.18 0.58 3.85
CA CYS A 122 -3.22 0.55 3.82
C CYS A 122 -2.62 -0.40 2.82
C CYS A 122 -2.60 -0.40 2.79
N LEU A 123 -1.32 -0.73 2.93
CA LEU A 123 -0.65 -1.62 1.98
C LEU A 123 0.23 -2.61 2.72
N PRO A 124 0.54 -3.78 2.11
CA PRO A 124 1.56 -4.70 2.63
C PRO A 124 2.96 -4.28 2.14
N ALA A 125 4.00 -5.05 2.52
CA ALA A 125 5.35 -4.84 1.97
C ALA A 125 5.40 -5.42 0.53
N ILE A 126 4.84 -4.64 -0.40
CA ILE A 126 4.60 -5.07 -1.81
C ILE A 126 5.86 -5.69 -2.42
N GLY A 127 5.72 -6.87 -3.01
CA GLY A 127 6.82 -7.55 -3.72
C GLY A 127 7.72 -8.45 -2.88
N THR A 128 7.56 -8.44 -1.55
CA THR A 128 8.45 -9.23 -0.68
C THR A 128 8.02 -10.69 -0.51
N GLY A 129 6.82 -11.04 -0.99
CA GLY A 129 6.29 -12.41 -0.90
C GLY A 129 6.70 -13.22 -2.12
N ASN A 130 5.74 -13.68 -2.91
CA ASN A 130 6.02 -14.54 -4.09
C ASN A 130 7.04 -13.91 -5.07
N ALA A 131 7.03 -12.57 -5.23
CA ALA A 131 7.94 -11.90 -6.17
C ALA A 131 9.41 -11.87 -5.70
N LYS A 132 9.63 -12.08 -4.40
CA LYS A 132 10.98 -12.18 -3.82
C LYS A 132 11.86 -10.95 -4.14
N GLN A 133 11.27 -9.75 -4.08
CA GLN A 133 12.06 -8.50 -4.06
C GLN A 133 12.64 -8.30 -2.64
N HIS A 134 13.82 -7.70 -2.55
CA HIS A 134 14.50 -7.54 -1.26
C HIS A 134 13.80 -6.47 -0.37
N PRO A 135 13.58 -6.78 0.94
CA PRO A 135 12.85 -5.83 1.81
C PRO A 135 13.41 -4.39 1.90
N ASP A 136 14.75 -4.15 1.94
CA ASP A 136 15.21 -2.73 2.02
C ASP A 136 14.97 -2.00 0.71
N LYS A 137 15.07 -2.70 -0.44
CA LYS A 137 14.75 -2.08 -1.74
C LYS A 137 13.26 -1.71 -1.80
N VAL A 138 12.38 -2.58 -1.28
CA VAL A 138 10.95 -2.32 -1.24
C VAL A 138 10.63 -1.12 -0.30
N ALA A 139 11.23 -1.09 0.90
CA ALA A 139 11.01 0.04 1.81
C ALA A 139 11.47 1.36 1.18
N GLU A 140 12.65 1.35 0.54
CA GLU A 140 13.19 2.55 -0.10
C GLU A 140 12.21 3.07 -1.19
N ALA A 141 11.67 2.16 -1.99
CA ALA A 141 10.77 2.48 -3.09
C ALA A 141 9.43 3.04 -2.61
N ILE A 142 8.84 2.41 -1.59
CA ILE A 142 7.55 2.89 -1.05
C ILE A 142 7.69 4.35 -0.55
N ILE A 143 8.73 4.58 0.27
CA ILE A 143 8.89 5.90 0.87
C ILE A 143 9.28 6.94 -0.21
N ASP A 144 10.14 6.57 -1.16
CA ASP A 144 10.49 7.46 -2.30
C ASP A 144 9.23 7.88 -3.10
N ALA A 145 8.29 6.95 -3.31
CA ALA A 145 7.05 7.28 -4.06
C ALA A 145 6.25 8.37 -3.34
N ILE A 146 6.13 8.23 -2.01
CA ILE A 146 5.39 9.22 -1.22
C ILE A 146 6.11 10.58 -1.26
N GLU A 147 7.43 10.57 -1.08
CA GLU A 147 8.22 11.83 -1.15
C GLU A 147 8.01 12.55 -2.51
N ASP A 148 8.09 11.80 -3.61
N ASP A 148 8.06 11.80 -3.61
CA ASP A 148 7.91 12.40 -4.94
CA ASP A 148 7.89 12.39 -4.93
C ASP A 148 6.51 13.02 -5.09
C ASP A 148 6.48 12.98 -5.15
N PHE A 149 5.51 12.33 -4.53
N PHE A 149 5.45 12.24 -4.71
CA PHE A 149 4.12 12.76 -4.58
CA PHE A 149 4.06 12.69 -4.87
C PHE A 149 3.90 14.07 -3.79
C PHE A 149 3.86 14.05 -4.23
N VAL A 150 4.52 14.16 -2.64
N VAL A 150 4.39 14.17 -3.02
CA VAL A 150 4.47 15.41 -1.89
CA VAL A 150 4.29 15.42 -2.20
C VAL A 150 5.24 16.54 -2.64
C VAL A 150 5.21 16.55 -2.70
N GLN A 151 6.42 16.20 -3.18
CA GLN A 151 7.29 17.21 -3.83
C GLN A 151 6.60 17.87 -5.04
N LYS A 152 5.82 17.08 -5.78
CA LYS A 152 5.08 17.56 -6.95
C LYS A 152 3.79 18.34 -6.61
N GLY A 153 3.45 18.47 -5.32
CA GLY A 153 2.25 19.17 -4.91
C GLY A 153 0.97 18.39 -5.15
N SER A 154 1.06 17.06 -5.25
CA SER A 154 -0.08 16.23 -5.66
C SER A 154 -0.97 15.77 -4.49
N ALA A 155 -0.47 15.84 -3.26
CA ALA A 155 -1.23 15.41 -2.08
C ALA A 155 -2.23 16.51 -1.70
N GLN A 156 -3.51 16.20 -1.80
CA GLN A 156 -4.62 17.10 -1.42
C GLN A 156 -5.63 16.37 -0.53
N SER A 157 -6.24 15.30 -1.03
N SER A 157 -6.24 15.30 -1.03
CA SER A 157 -7.13 14.46 -0.23
CA SER A 157 -7.13 14.47 -0.24
C SER A 157 -6.39 13.43 0.63
C SER A 157 -6.40 13.43 0.62
N VAL A 158 -5.30 12.85 0.12
CA VAL A 158 -4.59 11.78 0.87
C VAL A 158 -3.86 12.36 2.09
N LYS A 159 -4.19 11.80 3.26
CA LYS A 159 -3.65 12.24 4.55
C LYS A 159 -2.90 11.17 5.36
N LYS A 160 -3.14 9.88 5.07
CA LYS A 160 -2.56 8.79 5.88
C LYS A 160 -2.23 7.60 4.98
N VAL A 161 -0.97 7.12 5.07
CA VAL A 161 -0.52 5.93 4.33
C VAL A 161 0.15 5.00 5.38
N LYS A 162 -0.42 3.80 5.55
CA LYS A 162 0.06 2.85 6.56
C LYS A 162 0.49 1.52 5.90
N VAL A 163 1.69 1.05 6.22
CA VAL A 163 2.17 -0.27 5.77
C VAL A 163 1.97 -1.25 6.95
N VAL A 164 1.15 -2.29 6.74
CA VAL A 164 0.94 -3.38 7.74
C VAL A 164 1.69 -4.61 7.18
N ILE A 165 2.69 -5.06 7.96
CA ILE A 165 3.73 -5.95 7.49
C ILE A 165 3.60 -7.31 8.22
N PHE A 166 3.58 -8.41 7.46
CA PHE A 166 3.34 -9.73 8.08
C PHE A 166 4.49 -10.17 9.01
N LEU A 167 5.73 -10.04 8.56
CA LEU A 167 6.90 -10.49 9.35
C LEU A 167 7.53 -9.36 10.17
N PRO A 168 7.64 -9.54 11.52
CA PRO A 168 8.33 -8.51 12.33
C PRO A 168 9.73 -8.16 11.84
N GLN A 169 10.49 -9.12 11.30
CA GLN A 169 11.84 -8.81 10.80
C GLN A 169 11.82 -7.78 9.66
N VAL A 170 10.75 -7.78 8.85
CA VAL A 170 10.61 -6.79 7.77
C VAL A 170 10.19 -5.41 8.33
N LEU A 171 9.36 -5.38 9.38
CA LEU A 171 9.09 -4.11 10.10
C LEU A 171 10.40 -3.43 10.56
N ASP A 172 11.36 -4.22 11.07
CA ASP A 172 12.63 -3.62 11.53
C ASP A 172 13.36 -2.89 10.37
N VAL A 173 13.32 -3.47 9.18
CA VAL A 173 13.93 -2.87 7.98
C VAL A 173 13.25 -1.53 7.59
N PHE A 174 11.91 -1.51 7.61
CA PHE A 174 11.16 -0.27 7.34
C PHE A 174 11.50 0.82 8.37
N TYR A 175 11.52 0.46 9.66
CA TYR A 175 11.82 1.45 10.73
C TYR A 175 13.23 2.07 10.51
N ALA A 176 14.22 1.23 10.20
CA ALA A 176 15.57 1.75 9.94
C ALA A 176 15.59 2.74 8.75
N ASN A 177 14.81 2.45 7.70
CA ASN A 177 14.76 3.34 6.53
C ASN A 177 14.13 4.71 6.91
N MET A 178 13.08 4.68 7.73
CA MET A 178 12.49 5.92 8.26
C MET A 178 13.53 6.76 9.06
N LYS A 179 14.29 6.10 9.93
CA LYS A 179 15.31 6.80 10.75
C LYS A 179 16.42 7.42 9.87
N LYS A 180 16.75 6.76 8.76
CA LYS A 180 17.74 7.30 7.81
C LYS A 180 17.24 8.66 7.26
N ARG A 181 15.93 8.75 6.99
CA ARG A 181 15.36 9.97 6.37
C ARG A 181 15.04 11.12 7.32
N GLU A 182 14.94 10.84 8.60
CA GLU A 182 14.24 11.75 9.55
C GLU A 182 14.83 13.15 9.65
N GLY A 183 13.94 14.13 9.83
CA GLY A 183 14.30 15.54 9.73
C GLY A 183 14.89 16.08 11.01
CL CL B . 4.63 -10.22 -3.65
CL CL C . 3.80 -8.06 4.09
S DMS D . 11.21 -3.74 -11.54
O DMS D . 10.82 -4.87 -12.45
C1 DMS D . 11.44 -4.36 -9.97
C2 DMS D . 12.78 -3.20 -11.92
N1 GTJ E . 3.26 -15.92 4.87
N3 GTJ E . 0.85 -15.66 5.26
C4 GTJ E . 4.27 -15.03 4.52
C5 GTJ E . 5.63 -15.21 4.31
C6 GTJ E . 6.38 -14.09 3.98
C7 GTJ E . 5.79 -12.84 3.85
C8 GTJ E . 4.44 -12.66 4.06
C10 GTJ E . 2.10 -15.17 4.93
C13 GTJ E . -2.02 -16.64 4.90
C1 GTJ E . 4.04 -19.32 6.47
C2 GTJ E . 3.93 -17.81 6.38
C3 GTJ E . 3.37 -17.37 5.05
C9 GTJ E . 3.68 -13.76 4.40
N2 GTJ E . 2.32 -13.88 4.64
C11 GTJ E . -0.26 -14.88 5.38
O1 GTJ E . -0.27 -13.68 5.11
C12 GTJ E . -1.50 -15.61 5.88
#